data_2VF0
#
_entry.id   2VF0
#
_cell.length_a   127.160
_cell.length_b   127.160
_cell.length_c   67.950
_cell.angle_alpha   90.00
_cell.angle_beta   90.00
_cell.angle_gamma   120.00
#
_symmetry.space_group_name_H-M   'P 63'
#
loop_
_entity.id
_entity.type
_entity.pdbx_description
1 polymer 'THYMIDYLATE SYNTHASE'
2 non-polymer "2'-DEOXY-5-NITROURIDINE 5'-MONOPHOSPHATE"
3 non-polymer 'S)-2-(5(((1,2-DIHYDRO-3-METHYL-1-OXOBENZO(F)QUINAZOLIN-9-YL)METHYL)AMINO)1-OXO-2-ISOINDOLINYL)GLUTARIC ACID'
4 non-polymer 'SULFATE ION'
5 water water
#
_entity_poly.entity_id   1
_entity_poly.type   'polypeptide(L)'
_entity_poly.pdbx_seq_one_letter_code
;(CXM)KQYLELMQKVLDEGTQKNDRTGTGTLSIFGHQMRFNLQDGFPLVTTQRCHLRSIIHELLWFLQGDTNIAYLHENN
VTIWDEWADENGDLGPVYGKQWRAWPTPDGRHIDQITTVLNQLKNDPDSRRIIVSAWNVGELDKMALAPCHAFFQFYVAD
GKLSCQLYQRSCDVFLGLPFNIASYALLVHMMAQQCDLEVGDFVWTGGDTHLYSNHMDQTHLQLSREPRPLPKLIIKRKP
ESIFDYRFEDFEIEGYDPHPGIKAPVAI
;
_entity_poly.pdbx_strand_id   A,B
#
# COMPACT_ATOMS: atom_id res chain seq x y z
N LYS A 2 21.02 -6.03 -7.34
CA LYS A 2 21.27 -6.34 -5.94
C LYS A 2 19.97 -6.50 -5.15
N GLN A 3 19.11 -5.49 -5.21
CA GLN A 3 17.86 -5.52 -4.48
C GLN A 3 17.03 -6.75 -4.78
N TYR A 4 16.80 -6.99 -6.06
CA TYR A 4 16.03 -8.16 -6.51
C TYR A 4 16.66 -9.44 -5.98
N LEU A 5 17.97 -9.59 -6.19
CA LEU A 5 18.69 -10.77 -5.75
C LEU A 5 18.67 -10.97 -4.25
N GLU A 6 18.72 -9.87 -3.48
CA GLU A 6 18.69 -9.99 -2.03
C GLU A 6 17.29 -10.39 -1.61
N LEU A 7 16.29 -9.92 -2.36
CA LEU A 7 14.92 -10.26 -2.03
C LEU A 7 14.78 -11.77 -2.19
N MET A 8 15.22 -12.29 -3.34
CA MET A 8 15.13 -13.71 -3.59
C MET A 8 15.82 -14.48 -2.47
N GLN A 9 17.01 -14.04 -2.07
CA GLN A 9 17.70 -14.72 -0.99
C GLN A 9 16.85 -14.71 0.28
N LYS A 10 16.27 -13.56 0.58
CA LYS A 10 15.45 -13.39 1.79
C LYS A 10 14.27 -14.35 1.90
N VAL A 11 13.51 -14.50 0.81
CA VAL A 11 12.35 -15.40 0.82
C VAL A 11 12.80 -16.85 1.02
N LEU A 12 14.01 -17.15 0.59
CA LEU A 12 14.56 -18.49 0.73
C LEU A 12 15.03 -18.75 2.15
N ASP A 13 15.45 -17.69 2.84
CA ASP A 13 15.92 -17.84 4.20
C ASP A 13 14.80 -17.72 5.23
N GLU A 14 13.93 -16.73 5.04
CA GLU A 14 12.85 -16.53 5.98
C GLU A 14 11.48 -16.87 5.43
N GLY A 15 11.44 -17.60 4.32
CA GLY A 15 10.15 -17.97 3.75
C GLY A 15 9.48 -19.07 4.53
N THR A 16 8.25 -19.38 4.18
CA THR A 16 7.49 -20.44 4.84
C THR A 16 6.53 -21.04 3.81
N GLN A 17 6.55 -22.36 3.67
CA GLN A 17 5.68 -23.04 2.72
C GLN A 17 4.24 -22.65 2.93
N LYS A 18 3.54 -22.39 1.84
CA LYS A 18 2.15 -21.99 1.89
C LYS A 18 1.44 -22.60 0.68
N ASN A 19 0.18 -23.00 0.81
CA ASN A 19 -0.52 -23.59 -0.33
C ASN A 19 -1.40 -22.56 -1.03
N ASP A 20 -1.07 -22.19 -2.25
CA ASP A 20 -1.85 -21.20 -2.98
C ASP A 20 -3.01 -21.84 -3.74
N ARG A 21 -3.89 -20.99 -4.28
CA ARG A 21 -5.08 -21.45 -5.01
C ARG A 21 -4.78 -22.36 -6.21
N THR A 22 -3.68 -22.10 -6.92
CA THR A 22 -3.32 -22.93 -8.06
C THR A 22 -2.83 -24.29 -7.55
N GLY A 23 -2.84 -24.45 -6.22
CA GLY A 23 -2.40 -25.69 -5.61
C GLY A 23 -0.97 -26.07 -5.98
N THR A 24 -0.14 -25.07 -6.26
CA THR A 24 1.25 -25.31 -6.65
C THR A 24 2.23 -25.24 -5.48
N GLY A 25 1.83 -24.57 -4.41
CA GLY A 25 2.69 -24.46 -3.25
C GLY A 25 3.75 -23.39 -3.43
N THR A 26 3.83 -22.47 -2.48
CA THR A 26 4.80 -21.40 -2.55
C THR A 26 5.60 -21.33 -1.27
N LEU A 27 6.63 -20.50 -1.30
CA LEU A 27 7.49 -20.25 -0.16
C LEU A 27 7.36 -18.74 -0.07
N SER A 28 6.60 -18.25 0.91
CA SER A 28 6.40 -16.81 1.01
C SER A 28 6.77 -16.12 2.32
N ILE A 29 6.80 -14.79 2.24
CA ILE A 29 7.07 -13.90 3.35
C ILE A 29 6.02 -12.79 3.20
N PHE A 30 5.80 -12.00 4.24
CA PHE A 30 4.81 -10.94 4.15
C PHE A 30 5.44 -9.60 4.50
N GLY A 31 5.36 -8.67 3.57
CA GLY A 31 5.93 -7.34 3.80
C GLY A 31 7.39 -7.26 3.47
N HIS A 32 7.73 -6.32 2.58
CA HIS A 32 9.09 -6.09 2.16
C HIS A 32 9.14 -4.74 1.45
N GLN A 33 10.30 -4.10 1.44
CA GLN A 33 10.48 -2.80 0.78
C GLN A 33 11.83 -2.63 0.10
N MET A 34 11.83 -2.15 -1.14
CA MET A 34 13.07 -1.91 -1.84
C MET A 34 12.98 -0.64 -2.65
N ARG A 35 14.07 0.12 -2.64
CA ARG A 35 14.12 1.38 -3.34
C ARG A 35 15.13 1.33 -4.47
N PHE A 36 14.84 2.04 -5.55
CA PHE A 36 15.71 2.08 -6.71
C PHE A 36 15.83 3.54 -7.11
N ASN A 37 17.06 4.05 -7.11
CA ASN A 37 17.28 5.43 -7.51
C ASN A 37 17.41 5.41 -9.02
N LEU A 38 16.34 5.80 -9.70
CA LEU A 38 16.33 5.81 -11.17
C LEU A 38 17.49 6.60 -11.77
N GLN A 39 18.14 7.41 -10.93
CA GLN A 39 19.26 8.21 -11.36
C GLN A 39 20.48 7.30 -11.54
N ASP A 40 20.54 6.23 -10.75
CA ASP A 40 21.66 5.32 -10.87
C ASP A 40 21.59 4.51 -12.15
N GLY A 41 20.38 4.31 -12.68
CA GLY A 41 20.23 3.55 -13.90
C GLY A 41 18.83 3.01 -14.05
N PHE A 42 18.53 2.40 -15.21
CA PHE A 42 17.20 1.83 -15.42
C PHE A 42 17.17 0.42 -14.82
N PRO A 43 16.26 0.17 -13.87
CA PRO A 43 16.09 -1.10 -13.18
C PRO A 43 15.59 -2.31 -13.95
N LEU A 44 16.35 -2.74 -14.96
CA LEU A 44 15.98 -3.92 -15.74
C LEU A 44 16.98 -5.01 -15.37
N VAL A 45 16.50 -6.11 -14.78
CA VAL A 45 17.37 -7.20 -14.36
C VAL A 45 18.38 -7.67 -15.42
N THR A 46 19.62 -7.84 -15.00
CA THR A 46 20.69 -8.28 -15.89
C THR A 46 21.12 -9.73 -15.64
N THR A 47 20.80 -10.28 -14.46
CA THR A 47 21.16 -11.66 -14.15
C THR A 47 20.24 -12.61 -14.89
N GLN A 48 19.47 -12.07 -15.84
CA GLN A 48 18.54 -12.86 -16.63
C GLN A 48 17.95 -11.95 -17.69
N ARG A 49 17.95 -12.38 -18.96
CA ARG A 49 17.42 -11.56 -20.03
C ARG A 49 15.93 -11.23 -19.93
N CYS A 50 15.57 -10.03 -20.38
CA CYS A 50 14.17 -9.58 -20.36
C CYS A 50 13.90 -8.88 -21.68
N HIS A 51 12.64 -8.87 -22.12
CA HIS A 51 12.28 -8.22 -23.37
C HIS A 51 11.46 -6.97 -23.13
N LEU A 52 12.12 -5.83 -23.28
CA LEU A 52 11.53 -4.52 -23.07
C LEU A 52 10.31 -4.35 -23.97
N ARG A 53 10.34 -5.02 -25.10
CA ARG A 53 9.25 -4.99 -26.07
C ARG A 53 7.92 -5.20 -25.34
N SER A 54 7.80 -6.36 -24.72
CA SER A 54 6.59 -6.75 -24.00
C SER A 54 6.21 -5.78 -22.90
N ILE A 55 7.18 -5.43 -22.07
CA ILE A 55 6.91 -4.50 -20.98
C ILE A 55 6.23 -3.26 -21.51
N ILE A 56 6.95 -2.53 -22.36
CA ILE A 56 6.43 -1.31 -22.97
C ILE A 56 5.00 -1.50 -23.46
N HIS A 57 4.80 -2.48 -24.33
CA HIS A 57 3.49 -2.72 -24.89
C HIS A 57 2.38 -2.93 -23.91
N GLU A 58 2.65 -3.62 -22.81
CA GLU A 58 1.59 -3.82 -21.84
C GLU A 58 1.27 -2.50 -21.16
N LEU A 59 2.30 -1.68 -20.94
CA LEU A 59 2.14 -0.38 -20.28
C LEU A 59 1.36 0.58 -21.15
N LEU A 60 1.72 0.65 -22.42
CA LEU A 60 1.04 1.53 -23.35
C LEU A 60 -0.42 1.12 -23.36
N TRP A 61 -0.62 -0.19 -23.28
CA TRP A 61 -1.92 -0.83 -23.24
C TRP A 61 -2.73 -0.37 -22.02
N PHE A 62 -2.08 -0.25 -20.87
CA PHE A 62 -2.75 0.20 -19.65
C PHE A 62 -3.17 1.65 -19.84
N LEU A 63 -2.22 2.48 -20.25
CA LEU A 63 -2.43 3.90 -20.47
C LEU A 63 -3.53 4.18 -21.47
N GLN A 64 -3.84 3.18 -22.29
CA GLN A 64 -4.89 3.31 -23.28
C GLN A 64 -6.26 3.16 -22.65
N GLY A 65 -6.33 2.35 -21.60
CA GLY A 65 -7.58 2.10 -20.93
C GLY A 65 -8.18 0.84 -21.56
N ASP A 66 -7.30 0.04 -22.16
CA ASP A 66 -7.70 -1.18 -22.84
C ASP A 66 -7.53 -2.42 -21.97
N THR A 67 -8.55 -3.27 -21.99
CA THR A 67 -8.54 -4.50 -21.23
C THR A 67 -8.86 -5.69 -22.14
N ASN A 68 -8.47 -5.59 -23.41
CA ASN A 68 -8.68 -6.67 -24.37
C ASN A 68 -7.36 -7.00 -25.02
N ILE A 69 -6.99 -8.28 -25.00
CA ILE A 69 -5.72 -8.74 -25.54
C ILE A 69 -5.41 -8.50 -27.00
N ALA A 70 -6.40 -8.15 -27.79
CA ALA A 70 -6.18 -7.90 -29.21
C ALA A 70 -4.93 -7.05 -29.46
N TYR A 71 -4.82 -5.91 -28.80
CA TYR A 71 -3.65 -5.04 -28.97
C TYR A 71 -2.36 -5.78 -28.66
N LEU A 72 -2.31 -6.39 -27.50
CA LEU A 72 -1.14 -7.12 -27.06
C LEU A 72 -0.74 -8.12 -28.13
N HIS A 73 -1.72 -8.76 -28.75
CA HIS A 73 -1.45 -9.75 -29.78
C HIS A 73 -0.86 -9.13 -31.04
N GLU A 74 -1.48 -8.07 -31.52
CA GLU A 74 -0.98 -7.39 -32.70
C GLU A 74 0.48 -7.01 -32.48
N ASN A 75 1.03 -7.36 -31.32
CA ASN A 75 2.42 -7.05 -31.00
C ASN A 75 3.25 -8.17 -30.38
N ASN A 76 2.78 -9.40 -30.50
CA ASN A 76 3.51 -10.55 -30.01
C ASN A 76 3.65 -10.72 -28.50
N VAL A 77 2.88 -9.96 -27.74
CA VAL A 77 2.92 -10.11 -26.28
C VAL A 77 1.73 -11.03 -26.02
N THR A 78 1.97 -12.13 -25.32
CA THR A 78 0.91 -13.09 -25.09
C THR A 78 0.75 -13.57 -23.66
N ILE A 79 1.36 -12.85 -22.71
CA ILE A 79 1.27 -13.28 -21.31
C ILE A 79 -0.15 -13.33 -20.78
N TRP A 80 -0.98 -12.38 -21.22
CA TRP A 80 -2.35 -12.32 -20.76
C TRP A 80 -3.30 -13.34 -21.37
N ASP A 81 -2.86 -13.96 -22.45
CA ASP A 81 -3.65 -14.95 -23.16
C ASP A 81 -4.41 -15.92 -22.26
N GLU A 82 -3.67 -16.62 -21.41
CA GLU A 82 -4.23 -17.60 -20.49
C GLU A 82 -5.50 -17.14 -19.79
N TRP A 83 -5.54 -15.88 -19.40
CA TRP A 83 -6.67 -15.35 -18.66
C TRP A 83 -7.80 -14.69 -19.44
N ALA A 84 -7.62 -14.49 -20.75
CA ALA A 84 -8.65 -13.84 -21.56
C ALA A 84 -9.81 -14.74 -21.95
N ASP A 85 -11.02 -14.20 -21.93
CA ASP A 85 -12.20 -14.96 -22.29
C ASP A 85 -12.14 -15.21 -23.79
N GLU A 86 -13.15 -15.86 -24.34
CA GLU A 86 -13.16 -16.18 -25.77
C GLU A 86 -13.07 -14.96 -26.66
N ASN A 87 -13.25 -13.79 -26.06
CA ASN A 87 -13.21 -12.54 -26.80
C ASN A 87 -12.01 -11.68 -26.45
N GLY A 88 -11.04 -12.26 -25.76
CA GLY A 88 -9.87 -11.51 -25.37
C GLY A 88 -10.16 -10.47 -24.32
N ASP A 89 -11.33 -10.55 -23.69
CA ASP A 89 -11.69 -9.60 -22.65
C ASP A 89 -11.25 -10.13 -21.29
N LEU A 90 -10.61 -9.28 -20.53
CA LEU A 90 -10.11 -9.61 -19.20
C LEU A 90 -11.02 -9.02 -18.13
N GLY A 91 -11.91 -8.12 -18.56
CA GLY A 91 -12.81 -7.49 -17.62
C GLY A 91 -12.24 -6.14 -17.23
N PRO A 92 -12.84 -5.46 -16.25
CA PRO A 92 -12.35 -4.15 -15.83
C PRO A 92 -11.04 -4.17 -15.00
N VAL A 93 -9.98 -4.69 -15.60
CA VAL A 93 -8.68 -4.76 -14.94
C VAL A 93 -7.91 -3.44 -15.12
N TYR A 94 -6.67 -3.43 -14.65
CA TYR A 94 -5.78 -2.27 -14.70
C TYR A 94 -6.21 -1.07 -15.54
N GLY A 95 -5.87 -1.09 -16.82
CA GLY A 95 -6.21 0.01 -17.71
C GLY A 95 -7.55 0.67 -17.48
N LYS A 96 -8.60 -0.13 -17.30
CA LYS A 96 -9.94 0.39 -17.09
C LYS A 96 -10.10 1.22 -15.81
N GLN A 97 -9.54 0.75 -14.70
CA GLN A 97 -9.65 1.49 -13.46
C GLN A 97 -8.85 2.78 -13.51
N TRP A 98 -7.73 2.76 -14.22
CA TRP A 98 -6.86 3.92 -14.35
C TRP A 98 -7.50 5.09 -15.07
N ARG A 99 -8.02 4.81 -16.26
CA ARG A 99 -8.63 5.83 -17.12
C ARG A 99 -10.08 6.05 -16.86
N ALA A 100 -10.74 5.09 -16.23
CA ALA A 100 -12.15 5.24 -15.99
C ALA A 100 -12.71 4.43 -14.84
N TRP A 101 -12.39 4.84 -13.62
CA TRP A 101 -12.91 4.18 -12.44
C TRP A 101 -14.35 4.69 -12.39
N PRO A 102 -15.34 3.78 -12.35
CA PRO A 102 -16.74 4.18 -12.30
C PRO A 102 -17.23 4.54 -10.90
N THR A 103 -17.81 5.73 -10.75
CA THR A 103 -18.33 6.15 -9.45
C THR A 103 -19.76 5.63 -9.31
N PRO A 104 -20.38 5.82 -8.14
CA PRO A 104 -21.75 5.32 -7.97
C PRO A 104 -22.80 6.20 -8.67
N ASP A 105 -22.50 7.48 -8.83
CA ASP A 105 -23.43 8.40 -9.45
C ASP A 105 -23.23 8.58 -10.96
N GLY A 106 -22.93 7.47 -11.64
CA GLY A 106 -22.77 7.50 -13.08
C GLY A 106 -21.56 8.18 -13.67
N ARG A 107 -20.65 8.67 -12.83
CA ARG A 107 -19.45 9.33 -13.34
C ARG A 107 -18.34 8.31 -13.58
N HIS A 108 -17.22 8.79 -14.10
CA HIS A 108 -16.06 7.96 -14.37
C HIS A 108 -14.83 8.83 -14.15
N ILE A 109 -13.88 8.34 -13.36
CA ILE A 109 -12.68 9.11 -13.08
C ILE A 109 -11.38 8.64 -13.72
N ASP A 110 -10.72 9.56 -14.43
CA ASP A 110 -9.46 9.26 -15.11
C ASP A 110 -8.32 9.57 -14.14
N GLN A 111 -7.95 8.57 -13.35
CA GLN A 111 -6.90 8.69 -12.34
C GLN A 111 -5.54 9.08 -12.89
N ILE A 112 -5.31 8.76 -14.16
CA ILE A 112 -4.04 9.08 -14.78
C ILE A 112 -3.94 10.58 -15.00
N THR A 113 -4.83 11.16 -15.79
CA THR A 113 -4.75 12.62 -16.04
C THR A 113 -4.81 13.40 -14.74
N THR A 114 -5.63 12.92 -13.79
CA THR A 114 -5.77 13.58 -12.50
C THR A 114 -4.38 13.75 -11.90
N VAL A 115 -3.70 12.63 -11.71
CA VAL A 115 -2.36 12.64 -11.15
C VAL A 115 -1.43 13.60 -11.90
N LEU A 116 -1.60 13.71 -13.21
CA LEU A 116 -0.77 14.63 -14.02
C LEU A 116 -1.06 16.09 -13.71
N ASN A 117 -2.31 16.39 -13.40
CA ASN A 117 -2.73 17.74 -13.07
C ASN A 117 -2.24 18.09 -11.68
N GLN A 118 -2.14 17.08 -10.82
CA GLN A 118 -1.68 17.27 -9.45
C GLN A 118 -0.17 17.44 -9.41
N LEU A 119 0.55 16.67 -10.20
CA LEU A 119 2.00 16.79 -10.22
C LEU A 119 2.39 18.15 -10.78
N LYS A 120 1.46 18.80 -11.47
CA LYS A 120 1.73 20.10 -12.07
C LYS A 120 1.31 21.32 -11.25
N ASN A 121 0.15 21.26 -10.62
CA ASN A 121 -0.33 22.39 -9.85
C ASN A 121 -0.28 22.29 -8.35
N ASP A 122 -0.17 21.08 -7.83
CA ASP A 122 -0.11 20.86 -6.39
C ASP A 122 0.76 19.66 -6.08
N PRO A 123 2.03 19.71 -6.49
CA PRO A 123 2.99 18.63 -6.26
C PRO A 123 3.24 18.32 -4.79
N ASP A 124 2.85 19.23 -3.90
CA ASP A 124 3.06 19.01 -2.47
C ASP A 124 1.94 18.25 -1.81
N SER A 125 0.98 17.83 -2.63
CA SER A 125 -0.16 17.06 -2.15
C SER A 125 0.27 15.70 -1.60
N ARG A 126 -0.45 15.24 -0.58
CA ARG A 126 -0.16 13.97 0.03
C ARG A 126 -1.19 12.93 -0.39
N ARG A 127 -1.97 13.26 -1.42
CA ARG A 127 -2.99 12.36 -1.92
C ARG A 127 -2.93 12.18 -3.44
N ILE A 128 -1.72 12.04 -3.98
CA ILE A 128 -1.52 11.83 -5.41
C ILE A 128 -1.44 10.31 -5.59
N ILE A 129 -2.61 9.71 -5.71
CA ILE A 129 -2.73 8.27 -5.80
C ILE A 129 -3.50 7.72 -7.01
N VAL A 130 -3.22 6.47 -7.35
CA VAL A 130 -3.91 5.78 -8.44
C VAL A 130 -4.17 4.39 -7.88
N SER A 131 -5.43 4.00 -7.77
CA SER A 131 -5.74 2.68 -7.23
C SER A 131 -6.42 1.83 -8.27
N ALA A 132 -5.98 0.58 -8.39
CA ALA A 132 -6.60 -0.35 -9.32
C ALA A 132 -7.48 -1.30 -8.52
N TRP A 133 -7.39 -1.23 -7.20
CA TRP A 133 -8.17 -2.10 -6.34
C TRP A 133 -9.60 -1.62 -6.11
N ASN A 134 -10.43 -1.78 -7.13
CA ASN A 134 -11.83 -1.36 -7.07
C ASN A 134 -12.71 -2.48 -6.54
N VAL A 135 -12.90 -2.47 -5.23
CA VAL A 135 -13.71 -3.47 -4.52
C VAL A 135 -15.03 -3.79 -5.21
N GLY A 136 -15.61 -2.80 -5.88
CA GLY A 136 -16.88 -2.99 -6.55
C GLY A 136 -16.82 -3.92 -7.76
N GLU A 137 -15.82 -3.74 -8.62
CA GLU A 137 -15.73 -4.57 -9.82
C GLU A 137 -14.75 -5.73 -9.75
N LEU A 138 -14.30 -6.06 -8.55
CA LEU A 138 -13.33 -7.14 -8.36
C LEU A 138 -13.86 -8.47 -8.91
N ASP A 139 -15.15 -8.72 -8.74
CA ASP A 139 -15.76 -9.96 -9.20
C ASP A 139 -15.85 -10.07 -10.72
N LYS A 140 -15.73 -8.95 -11.42
CA LYS A 140 -15.81 -8.96 -12.87
C LYS A 140 -14.45 -9.08 -13.55
N MET A 141 -13.38 -9.02 -12.75
CA MET A 141 -12.02 -9.09 -13.28
C MET A 141 -11.53 -10.51 -13.43
N ALA A 142 -10.73 -10.75 -14.46
CA ALA A 142 -10.17 -12.07 -14.72
C ALA A 142 -9.18 -12.41 -13.61
N LEU A 143 -8.58 -11.37 -13.05
CA LEU A 143 -7.60 -11.52 -12.00
C LEU A 143 -7.76 -10.31 -11.08
N ALA A 144 -7.38 -10.47 -9.81
CA ALA A 144 -7.44 -9.34 -8.88
C ALA A 144 -6.07 -8.68 -8.95
N PRO A 145 -6.05 -7.37 -9.20
CA PRO A 145 -4.81 -6.59 -9.30
C PRO A 145 -3.68 -6.99 -8.36
N CYS A 146 -2.50 -7.28 -8.90
CA CYS A 146 -1.34 -7.62 -8.09
C CYS A 146 -0.66 -6.32 -7.70
N HIS A 147 -0.34 -5.49 -8.70
CA HIS A 147 0.20 -4.16 -8.43
C HIS A 147 -1.08 -3.34 -8.44
N ALA A 148 -1.68 -3.20 -7.26
CA ALA A 148 -2.96 -2.53 -7.11
C ALA A 148 -3.06 -1.12 -6.56
N PHE A 149 -1.95 -0.56 -6.09
CA PHE A 149 -2.04 0.76 -5.48
C PHE A 149 -0.71 1.50 -5.53
N PHE A 150 -0.68 2.70 -6.10
CA PHE A 150 0.57 3.45 -6.10
C PHE A 150 0.42 4.92 -5.80
N GLN A 151 1.51 5.52 -5.30
CA GLN A 151 1.52 6.92 -4.90
C GLN A 151 2.76 7.68 -5.37
N PHE A 152 2.57 8.94 -5.77
CA PHE A 152 3.66 9.78 -6.25
C PHE A 152 4.07 10.80 -5.19
N TYR A 153 5.29 11.29 -5.30
CA TYR A 153 5.82 12.26 -4.34
C TYR A 153 6.81 13.15 -5.07
N VAL A 154 6.86 14.43 -4.71
CA VAL A 154 7.81 15.35 -5.34
C VAL A 154 8.64 16.04 -4.28
N ALA A 155 9.94 16.16 -4.55
CA ALA A 155 10.87 16.80 -3.64
C ALA A 155 12.17 17.12 -4.39
N ASP A 156 12.57 18.38 -4.36
CA ASP A 156 13.78 18.82 -5.06
C ASP A 156 13.70 18.58 -6.55
N GLY A 157 12.52 18.85 -7.12
CA GLY A 157 12.31 18.69 -8.55
C GLY A 157 12.50 17.29 -9.06
N LYS A 158 12.18 16.31 -8.22
CA LYS A 158 12.32 14.91 -8.57
C LYS A 158 11.06 14.14 -8.23
N LEU A 159 10.56 13.38 -9.21
CA LEU A 159 9.36 12.58 -9.07
C LEU A 159 9.67 11.19 -8.58
N SER A 160 9.05 10.77 -7.48
CA SER A 160 9.24 9.45 -6.93
C SER A 160 7.92 8.70 -6.98
N CYS A 161 7.98 7.40 -6.75
CA CYS A 161 6.77 6.60 -6.81
C CYS A 161 6.92 5.39 -5.91
N GLN A 162 5.85 5.05 -5.21
CA GLN A 162 5.85 3.86 -4.35
C GLN A 162 4.68 2.99 -4.76
N LEU A 163 4.97 1.71 -4.96
CA LEU A 163 3.96 0.75 -5.39
C LEU A 163 3.66 -0.31 -4.33
N TYR A 164 2.39 -0.63 -4.14
CA TYR A 164 2.02 -1.66 -3.19
C TYR A 164 1.51 -2.85 -4.00
N GLN A 165 2.25 -3.96 -3.95
CA GLN A 165 1.85 -5.16 -4.68
C GLN A 165 1.39 -6.22 -3.69
N ARG A 166 0.07 -6.43 -3.62
CA ARG A 166 -0.50 -7.42 -2.69
C ARG A 166 0.02 -8.84 -2.89
N SER A 167 0.38 -9.17 -4.12
CA SER A 167 0.88 -10.50 -4.43
C SER A 167 2.02 -10.40 -5.43
N CYS A 168 3.12 -11.12 -5.18
CA CYS A 168 4.24 -11.05 -6.11
C CYS A 168 4.98 -12.35 -6.37
N ASP A 169 4.98 -12.74 -7.65
CA ASP A 169 5.66 -13.93 -8.14
C ASP A 169 7.09 -13.44 -8.35
N VAL A 170 7.86 -13.44 -7.28
CA VAL A 170 9.23 -12.96 -7.30
C VAL A 170 10.11 -13.38 -8.47
N PHE A 171 9.93 -14.58 -8.99
CA PHE A 171 10.76 -15.03 -10.10
C PHE A 171 10.24 -14.56 -11.46
N LEU A 172 8.94 -14.71 -11.68
CA LEU A 172 8.33 -14.35 -12.96
C LEU A 172 7.87 -12.92 -13.15
N GLY A 173 6.91 -12.48 -12.34
CA GLY A 173 6.38 -11.15 -12.49
C GLY A 173 7.20 -9.96 -12.01
N LEU A 174 7.83 -10.08 -10.85
CA LEU A 174 8.59 -8.97 -10.30
C LEU A 174 9.51 -8.21 -11.25
N PRO A 175 10.34 -8.92 -12.03
CA PRO A 175 11.25 -8.25 -12.97
C PRO A 175 10.52 -7.29 -13.89
N PHE A 176 9.38 -7.72 -14.41
CA PHE A 176 8.60 -6.92 -15.33
C PHE A 176 7.86 -5.77 -14.69
N ASN A 177 7.28 -6.01 -13.53
CA ASN A 177 6.56 -4.96 -12.81
C ASN A 177 7.51 -3.82 -12.45
N ILE A 178 8.73 -4.17 -12.04
CA ILE A 178 9.72 -3.16 -11.67
C ILE A 178 10.04 -2.28 -12.85
N ALA A 179 10.49 -2.89 -13.95
CA ALA A 179 10.85 -2.14 -15.16
C ALA A 179 9.69 -1.31 -15.68
N SER A 180 8.49 -1.85 -15.54
CA SER A 180 7.28 -1.17 -16.00
C SER A 180 6.99 0.14 -15.27
N TYR A 181 6.91 0.09 -13.95
CA TYR A 181 6.63 1.32 -13.20
C TYR A 181 7.77 2.30 -13.36
N ALA A 182 9.00 1.80 -13.36
CA ALA A 182 10.14 2.68 -13.54
C ALA A 182 9.93 3.39 -14.87
N LEU A 183 9.43 2.65 -15.85
CA LEU A 183 9.18 3.23 -17.16
C LEU A 183 8.10 4.31 -17.08
N LEU A 184 7.11 4.12 -16.22
CA LEU A 184 6.04 5.11 -16.07
C LEU A 184 6.56 6.36 -15.39
N VAL A 185 7.46 6.19 -14.43
CA VAL A 185 8.02 7.34 -13.73
C VAL A 185 8.75 8.27 -14.72
N HIS A 186 9.58 7.69 -15.59
CA HIS A 186 10.30 8.52 -16.56
C HIS A 186 9.32 9.28 -17.45
N MET A 187 8.24 8.63 -17.87
CA MET A 187 7.23 9.26 -18.72
C MET A 187 6.52 10.41 -17.98
N MET A 188 5.97 10.12 -16.81
CA MET A 188 5.29 11.15 -16.03
C MET A 188 6.24 12.32 -15.92
N ALA A 189 7.39 12.06 -15.31
CA ALA A 189 8.43 13.07 -15.09
C ALA A 189 8.70 13.93 -16.31
N GLN A 190 8.75 13.33 -17.49
CA GLN A 190 9.00 14.09 -18.70
C GLN A 190 7.83 15.02 -19.00
N GLN A 191 6.62 14.52 -18.87
CA GLN A 191 5.44 15.33 -19.11
C GLN A 191 5.34 16.52 -18.16
N CYS A 192 5.83 16.32 -16.93
CA CYS A 192 5.76 17.35 -15.90
C CYS A 192 7.03 18.18 -15.75
N ASP A 193 8.04 17.88 -16.56
CA ASP A 193 9.30 18.60 -16.49
C ASP A 193 10.04 18.41 -15.18
N LEU A 194 9.92 17.20 -14.64
CA LEU A 194 10.58 16.84 -13.39
C LEU A 194 11.76 15.92 -13.65
N GLU A 195 12.45 15.54 -12.58
CA GLU A 195 13.59 14.65 -12.66
C GLU A 195 13.20 13.35 -11.94
N VAL A 196 13.69 12.21 -12.41
CA VAL A 196 13.33 10.96 -11.78
C VAL A 196 14.03 10.78 -10.44
N GLY A 197 13.25 10.42 -9.43
CA GLY A 197 13.81 10.21 -8.11
C GLY A 197 13.86 8.72 -7.80
N ASP A 198 13.18 8.32 -6.73
CA ASP A 198 13.17 6.92 -6.33
C ASP A 198 11.89 6.15 -6.65
N PHE A 199 12.06 4.87 -6.96
CA PHE A 199 10.93 3.98 -7.16
C PHE A 199 11.03 3.02 -5.98
N VAL A 200 10.03 3.08 -5.11
CA VAL A 200 9.99 2.25 -3.92
C VAL A 200 9.01 1.11 -4.14
N TRP A 201 9.48 -0.11 -3.93
CA TRP A 201 8.61 -1.28 -4.10
C TRP A 201 8.26 -1.84 -2.71
N THR A 202 6.97 -2.08 -2.49
CA THR A 202 6.49 -2.63 -1.23
C THR A 202 5.57 -3.81 -1.54
N GLY A 203 5.79 -4.94 -0.87
CA GLY A 203 4.94 -6.09 -1.16
C GLY A 203 4.21 -6.78 -0.02
N GLY A 204 3.11 -7.44 -0.37
CA GLY A 204 2.34 -8.20 0.58
C GLY A 204 2.88 -9.62 0.55
N ASP A 205 2.09 -10.58 0.05
CA ASP A 205 2.55 -11.96 -0.04
C ASP A 205 3.60 -12.03 -1.14
N THR A 206 4.86 -11.96 -0.74
CA THR A 206 6.00 -12.02 -1.65
C THR A 206 6.46 -13.47 -1.67
N HIS A 207 6.11 -14.20 -2.72
CA HIS A 207 6.41 -15.62 -2.80
C HIS A 207 7.25 -16.12 -3.97
N LEU A 208 7.62 -17.39 -3.86
CA LEU A 208 8.40 -18.11 -4.85
C LEU A 208 7.70 -19.45 -5.02
N TYR A 209 7.32 -19.80 -6.24
CA TYR A 209 6.65 -21.07 -6.47
C TYR A 209 7.65 -22.22 -6.38
N SER A 210 7.16 -23.38 -5.95
CA SER A 210 7.98 -24.59 -5.78
C SER A 210 8.74 -25.00 -7.03
N ASN A 211 8.08 -24.93 -8.18
CA ASN A 211 8.70 -25.30 -9.45
C ASN A 211 9.69 -24.23 -9.94
N HIS A 212 9.98 -23.25 -9.09
CA HIS A 212 10.88 -22.15 -9.42
C HIS A 212 12.20 -22.16 -8.64
N MET A 213 12.36 -23.12 -7.72
CA MET A 213 13.57 -23.16 -6.89
C MET A 213 14.88 -23.36 -7.63
N ASP A 214 14.99 -24.45 -8.40
CA ASP A 214 16.23 -24.70 -9.15
C ASP A 214 16.64 -23.47 -9.96
N GLN A 215 15.67 -22.80 -10.58
CA GLN A 215 15.95 -21.62 -11.39
C GLN A 215 16.35 -20.41 -10.57
N THR A 216 15.65 -20.16 -9.47
CA THR A 216 15.99 -19.00 -8.67
C THR A 216 17.37 -19.17 -8.09
N HIS A 217 17.80 -20.42 -7.92
CA HIS A 217 19.14 -20.69 -7.38
C HIS A 217 20.22 -20.50 -8.44
N LEU A 218 19.87 -20.83 -9.68
CA LEU A 218 20.78 -20.69 -10.79
C LEU A 218 21.05 -19.21 -11.00
N GLN A 219 19.96 -18.44 -11.08
CA GLN A 219 20.05 -17.00 -11.29
C GLN A 219 20.78 -16.35 -10.14
N LEU A 220 20.45 -16.82 -8.95
CA LEU A 220 21.04 -16.31 -7.73
C LEU A 220 22.55 -16.52 -7.70
N SER A 221 23.03 -17.44 -8.54
CA SER A 221 24.46 -17.75 -8.60
C SER A 221 25.14 -16.95 -9.70
N ARG A 222 24.56 -15.82 -10.06
CA ARG A 222 25.13 -15.00 -11.11
C ARG A 222 25.51 -13.61 -10.61
N GLU A 223 26.51 -13.02 -11.26
CA GLU A 223 26.96 -11.68 -10.90
C GLU A 223 26.10 -10.69 -11.69
N PRO A 224 25.58 -9.65 -11.02
CA PRO A 224 24.75 -8.68 -11.74
C PRO A 224 25.67 -7.90 -12.67
N ARG A 225 25.10 -6.98 -13.42
CA ARG A 225 25.86 -6.16 -14.35
C ARG A 225 25.36 -4.72 -14.23
N PRO A 226 26.08 -3.76 -14.84
CA PRO A 226 25.64 -2.36 -14.75
C PRO A 226 24.27 -2.14 -15.39
N LEU A 227 23.40 -1.45 -14.67
CA LEU A 227 22.06 -1.15 -15.16
C LEU A 227 22.07 -0.44 -16.51
N PRO A 228 21.11 -0.76 -17.38
CA PRO A 228 21.12 -0.08 -18.67
C PRO A 228 20.62 1.36 -18.49
N LYS A 229 20.57 2.13 -19.58
CA LYS A 229 20.14 3.51 -19.55
C LYS A 229 18.90 3.69 -20.41
N LEU A 230 17.93 4.47 -19.94
CA LEU A 230 16.72 4.69 -20.71
C LEU A 230 16.85 6.01 -21.44
N ILE A 231 16.50 6.02 -22.73
CA ILE A 231 16.58 7.24 -23.54
C ILE A 231 15.24 7.48 -24.24
N ILE A 232 14.60 8.61 -23.96
CA ILE A 232 13.36 8.92 -24.66
C ILE A 232 13.80 9.87 -25.78
N LYS A 233 13.35 9.66 -27.00
CA LYS A 233 13.77 10.50 -28.11
C LYS A 233 12.76 11.52 -28.59
N ARG A 234 11.64 11.61 -27.89
CA ARG A 234 10.59 12.53 -28.26
C ARG A 234 9.70 12.81 -27.07
N LYS A 235 9.29 14.07 -26.92
CA LYS A 235 8.38 14.45 -25.84
C LYS A 235 7.01 14.65 -26.45
N PRO A 236 6.14 13.62 -26.36
CA PRO A 236 4.80 13.72 -26.92
C PRO A 236 3.95 14.85 -26.31
N GLU A 237 2.87 15.21 -26.98
CA GLU A 237 2.01 16.25 -26.49
C GLU A 237 1.27 15.85 -25.23
N SER A 238 1.20 14.55 -24.97
CA SER A 238 0.53 14.04 -23.77
C SER A 238 1.12 12.68 -23.42
N ILE A 239 1.00 12.28 -22.15
CA ILE A 239 1.51 10.99 -21.69
C ILE A 239 0.85 9.83 -22.44
N PHE A 240 -0.31 10.10 -23.03
CA PHE A 240 -1.05 9.11 -23.79
C PHE A 240 -0.61 9.07 -25.25
N ASP A 241 0.45 9.78 -25.58
CA ASP A 241 0.90 9.79 -26.97
C ASP A 241 2.23 9.13 -27.24
N TYR A 242 2.75 8.37 -26.29
CA TYR A 242 4.01 7.71 -26.53
C TYR A 242 3.83 6.53 -27.48
N ARG A 243 4.87 6.21 -28.23
CA ARG A 243 4.80 5.10 -29.16
C ARG A 243 5.97 4.21 -28.80
N PHE A 244 5.87 2.94 -29.15
CA PHE A 244 6.94 2.01 -28.83
C PHE A 244 8.30 2.58 -29.19
N GLU A 245 8.41 3.12 -30.40
CA GLU A 245 9.65 3.67 -30.90
C GLU A 245 10.34 4.78 -30.12
N ASP A 246 9.58 5.63 -29.42
CA ASP A 246 10.19 6.71 -28.67
C ASP A 246 11.19 6.24 -27.61
N PHE A 247 11.06 4.99 -27.19
CA PHE A 247 11.92 4.45 -26.15
C PHE A 247 13.14 3.73 -26.65
N GLU A 248 14.30 4.11 -26.12
CA GLU A 248 15.58 3.52 -26.49
C GLU A 248 16.37 3.10 -25.25
N ILE A 249 16.64 1.80 -25.14
CA ILE A 249 17.38 1.26 -24.00
C ILE A 249 18.83 1.09 -24.44
N GLU A 250 19.77 1.49 -23.58
CA GLU A 250 21.18 1.41 -23.92
C GLU A 250 22.02 0.61 -22.95
N GLY A 251 23.11 0.03 -23.46
CA GLY A 251 24.03 -0.77 -22.65
C GLY A 251 23.49 -1.96 -21.86
N TYR A 252 22.56 -2.71 -22.44
CA TYR A 252 21.98 -3.85 -21.75
C TYR A 252 22.63 -5.16 -22.16
N ASP A 253 23.55 -5.63 -21.32
CA ASP A 253 24.26 -6.87 -21.59
C ASP A 253 23.92 -7.86 -20.49
N PRO A 254 22.74 -8.51 -20.58
CA PRO A 254 22.27 -9.48 -19.58
C PRO A 254 22.79 -10.91 -19.75
N HIS A 255 22.59 -11.74 -18.73
CA HIS A 255 23.00 -13.15 -18.83
C HIS A 255 21.89 -13.79 -19.65
N PRO A 256 21.97 -15.12 -19.85
CA PRO A 256 20.92 -15.81 -20.64
C PRO A 256 19.60 -15.89 -19.87
N GLY A 257 18.51 -16.11 -20.58
CA GLY A 257 17.23 -16.22 -19.91
C GLY A 257 17.21 -17.49 -19.08
N ILE A 258 16.07 -17.74 -18.41
CA ILE A 258 15.90 -18.94 -17.59
C ILE A 258 14.41 -19.26 -17.62
N LYS A 259 14.05 -20.41 -18.17
CA LYS A 259 12.62 -20.77 -18.26
C LYS A 259 12.08 -21.41 -17.00
N ALA A 260 10.88 -20.99 -16.63
CA ALA A 260 10.19 -21.52 -15.47
C ALA A 260 8.69 -21.47 -15.79
N PRO A 261 7.97 -22.56 -15.51
CA PRO A 261 6.54 -22.61 -15.80
C PRO A 261 5.65 -21.73 -14.92
N VAL A 262 4.82 -20.93 -15.57
CA VAL A 262 3.89 -20.05 -14.88
C VAL A 262 2.86 -20.90 -14.14
N ALA A 263 2.38 -20.39 -13.01
CA ALA A 263 1.37 -21.10 -12.22
C ALA A 263 -0.03 -20.60 -12.60
N ILE A 264 -0.82 -21.46 -13.23
CA ILE A 264 -2.18 -21.08 -13.62
C ILE A 264 -3.10 -21.09 -12.41
N LYS B 2 11.13 1.52 20.05
CA LYS B 2 12.39 1.53 19.32
C LYS B 2 12.24 2.06 17.89
N GLN B 3 11.42 1.38 17.09
CA GLN B 3 11.22 1.77 15.69
C GLN B 3 10.61 3.15 15.56
N TYR B 4 9.63 3.43 16.41
CA TYR B 4 8.94 4.71 16.39
C TYR B 4 9.92 5.88 16.54
N LEU B 5 10.82 5.78 17.50
CA LEU B 5 11.82 6.82 17.74
C LEU B 5 12.85 6.92 16.62
N GLU B 6 13.16 5.80 15.99
CA GLU B 6 14.12 5.83 14.89
C GLU B 6 13.48 6.54 13.69
N LEU B 7 12.20 6.28 13.45
CA LEU B 7 11.49 6.90 12.34
C LEU B 7 11.42 8.40 12.52
N MET B 8 11.32 8.84 13.77
CA MET B 8 11.22 10.26 14.12
C MET B 8 12.56 10.95 13.87
N GLN B 9 13.63 10.35 14.37
CA GLN B 9 14.97 10.90 14.19
C GLN B 9 15.30 10.99 12.69
N LYS B 10 14.82 10.01 11.94
CA LYS B 10 15.03 9.92 10.49
C LYS B 10 14.43 11.11 9.76
N VAL B 11 13.20 11.49 10.12
CA VAL B 11 12.56 12.64 9.48
C VAL B 11 13.38 13.89 9.75
N LEU B 12 13.91 13.99 10.97
CA LEU B 12 14.72 15.12 11.36
C LEU B 12 16.01 15.16 10.53
N ASP B 13 16.70 14.03 10.47
CA ASP B 13 17.96 13.96 9.73
C ASP B 13 17.81 13.94 8.21
N GLU B 14 16.69 13.41 7.71
CA GLU B 14 16.50 13.32 6.27
C GLU B 14 15.32 14.08 5.68
N GLY B 15 14.34 14.38 6.51
CA GLY B 15 13.17 15.09 6.01
C GLY B 15 13.46 16.29 5.11
N THR B 16 12.61 16.48 4.11
CA THR B 16 12.73 17.59 3.20
C THR B 16 11.72 18.63 3.67
N GLN B 17 12.04 19.90 3.46
CA GLN B 17 11.18 21.00 3.88
C GLN B 17 10.05 21.16 2.87
N LYS B 18 8.82 20.87 3.25
CA LYS B 18 7.72 20.99 2.32
C LYS B 18 6.62 21.90 2.85
N ASN B 19 5.96 22.60 1.92
CA ASN B 19 4.86 23.49 2.29
C ASN B 19 3.61 22.66 2.11
N ASP B 20 2.81 22.53 3.16
CA ASP B 20 1.61 21.72 3.04
C ASP B 20 0.30 22.46 2.93
N ARG B 21 -0.76 21.65 2.84
CA ARG B 21 -2.13 22.10 2.75
C ARG B 21 -2.43 23.20 3.78
N THR B 22 -2.16 22.89 5.04
CA THR B 22 -2.39 23.81 6.15
C THR B 22 -1.50 25.04 6.13
N GLY B 23 -0.47 25.02 5.28
CA GLY B 23 0.44 26.14 5.20
C GLY B 23 1.32 26.28 6.43
N THR B 24 1.54 25.16 7.12
CA THR B 24 2.37 25.13 8.33
C THR B 24 3.82 24.74 8.02
N GLY B 25 4.00 23.84 7.06
CA GLY B 25 5.34 23.39 6.71
C GLY B 25 5.72 22.15 7.51
N THR B 26 6.34 21.18 6.83
CA THR B 26 6.75 19.95 7.49
C THR B 26 8.09 19.42 7.01
N LEU B 27 8.57 18.41 7.71
CA LEU B 27 9.80 17.74 7.31
C LEU B 27 9.26 16.40 6.85
N SER B 28 9.48 16.11 5.58
CA SER B 28 8.95 14.88 5.01
C SER B 28 9.97 13.93 4.40
N ILE B 29 9.56 12.67 4.28
CA ILE B 29 10.33 11.61 3.67
C ILE B 29 9.28 10.78 2.97
N PHE B 30 9.69 10.00 1.98
CA PHE B 30 8.76 9.18 1.24
C PHE B 30 9.14 7.71 1.34
N GLY B 31 8.17 6.87 1.70
CA GLY B 31 8.43 5.45 1.84
C GLY B 31 9.24 5.05 3.06
N HIS B 32 8.67 4.15 3.87
CA HIS B 32 9.31 3.67 5.08
C HIS B 32 8.51 2.49 5.61
N GLN B 33 9.20 1.52 6.22
CA GLN B 33 8.52 0.35 6.78
C GLN B 33 8.90 0.03 8.22
N MET B 34 7.92 -0.45 8.97
CA MET B 34 8.18 -0.85 10.34
C MET B 34 7.44 -2.17 10.56
N ARG B 35 8.06 -3.06 11.31
CA ARG B 35 7.44 -4.33 11.59
C ARG B 35 7.28 -4.41 13.09
N PHE B 36 6.18 -5.01 13.51
CA PHE B 36 5.89 -5.17 14.92
C PHE B 36 5.44 -6.60 15.15
N ASN B 37 6.26 -7.35 15.87
CA ASN B 37 5.94 -8.73 16.20
C ASN B 37 5.01 -8.61 17.39
N LEU B 38 3.74 -8.91 17.19
CA LEU B 38 2.78 -8.77 18.27
C LEU B 38 3.03 -9.73 19.43
N GLN B 39 3.74 -10.82 19.17
CA GLN B 39 4.05 -11.78 20.20
C GLN B 39 4.77 -11.09 21.35
N ASP B 40 5.55 -10.04 21.03
CA ASP B 40 6.32 -9.30 22.03
C ASP B 40 5.55 -8.27 22.85
N GLY B 41 4.28 -8.04 22.52
CA GLY B 41 3.51 -7.07 23.28
C GLY B 41 2.87 -6.00 22.42
N PHE B 42 1.82 -5.37 22.95
CA PHE B 42 1.06 -4.32 22.26
C PHE B 42 1.93 -3.09 21.95
N PRO B 43 1.89 -2.61 20.69
CA PRO B 43 2.68 -1.45 20.26
C PRO B 43 2.08 -0.10 20.64
N LEU B 44 1.96 0.13 21.95
CA LEU B 44 1.42 1.38 22.48
C LEU B 44 2.66 2.11 22.98
N VAL B 45 2.99 3.25 22.39
CA VAL B 45 4.19 3.97 22.81
C VAL B 45 4.30 4.23 24.30
N THR B 46 5.51 4.04 24.82
CA THR B 46 5.74 4.23 26.24
C THR B 46 6.41 5.55 26.55
N THR B 47 7.06 6.16 25.55
CA THR B 47 7.72 7.43 25.78
C THR B 47 6.70 8.56 25.83
N GLN B 48 5.42 8.21 25.79
CA GLN B 48 4.35 9.17 25.86
C GLN B 48 3.04 8.49 26.19
N ARG B 49 2.38 8.93 27.26
CA ARG B 49 1.11 8.30 27.63
C ARG B 49 0.06 8.47 26.52
N CYS B 50 -0.65 7.39 26.23
CA CYS B 50 -1.70 7.40 25.22
C CYS B 50 -2.91 6.75 25.84
N HIS B 51 -4.06 7.37 25.72
CA HIS B 51 -5.27 6.80 26.30
C HIS B 51 -5.87 5.78 25.36
N LEU B 52 -5.96 4.56 25.87
CA LEU B 52 -6.49 3.45 25.10
C LEU B 52 -7.97 3.63 24.80
N ARG B 53 -8.65 4.42 25.61
CA ARG B 53 -10.07 4.67 25.38
C ARG B 53 -10.25 5.39 24.04
N SER B 54 -9.35 6.33 23.76
CA SER B 54 -9.40 7.08 22.51
C SER B 54 -9.35 6.10 21.33
N ILE B 55 -8.27 5.32 21.30
CA ILE B 55 -7.99 4.32 20.28
C ILE B 55 -9.09 3.26 20.17
N ILE B 56 -9.43 2.66 21.31
CA ILE B 56 -10.44 1.61 21.35
C ILE B 56 -11.82 2.06 20.90
N HIS B 57 -12.18 3.31 21.15
CA HIS B 57 -13.50 3.78 20.75
C HIS B 57 -13.65 4.10 19.27
N GLU B 58 -12.63 4.72 18.66
CA GLU B 58 -12.68 5.06 17.25
C GLU B 58 -12.75 3.78 16.40
N LEU B 59 -11.96 2.79 16.78
CA LEU B 59 -11.92 1.51 16.07
C LEU B 59 -13.28 0.81 16.08
N LEU B 60 -13.90 0.72 17.25
CA LEU B 60 -15.21 0.08 17.34
C LEU B 60 -16.15 0.89 16.47
N TRP B 61 -15.92 2.19 16.46
CA TRP B 61 -16.72 3.12 15.67
C TRP B 61 -16.67 2.75 14.17
N PHE B 62 -15.47 2.47 13.66
CA PHE B 62 -15.31 2.08 12.26
C PHE B 62 -16.05 0.77 12.00
N LEU B 63 -15.71 -0.25 12.77
CA LEU B 63 -16.33 -1.56 12.62
C LEU B 63 -17.84 -1.48 12.60
N GLN B 64 -18.39 -0.38 13.11
CA GLN B 64 -19.82 -0.17 13.14
C GLN B 64 -20.33 0.37 11.82
N GLY B 65 -19.42 0.95 11.04
CA GLY B 65 -19.78 1.51 9.76
C GLY B 65 -20.41 2.87 9.95
N ASP B 66 -20.05 3.53 11.04
CA ASP B 66 -20.60 4.85 11.35
C ASP B 66 -19.64 5.94 10.88
N THR B 67 -20.21 7.02 10.37
CA THR B 67 -19.44 8.15 9.88
C THR B 67 -19.98 9.44 10.49
N ASN B 68 -20.52 9.34 11.69
CA ASN B 68 -21.08 10.48 12.40
C ASN B 68 -20.52 10.53 13.80
N ILE B 69 -19.76 11.58 14.10
CA ILE B 69 -19.11 11.74 15.38
C ILE B 69 -19.99 11.71 16.63
N ALA B 70 -21.29 11.59 16.46
CA ALA B 70 -22.19 11.53 17.61
C ALA B 70 -21.62 10.55 18.65
N TYR B 71 -21.55 9.28 18.26
CA TYR B 71 -21.04 8.24 19.14
C TYR B 71 -19.70 8.64 19.76
N LEU B 72 -18.76 9.04 18.92
CA LEU B 72 -17.45 9.43 19.42
C LEU B 72 -17.57 10.48 20.53
N HIS B 73 -18.63 11.28 20.47
CA HIS B 73 -18.86 12.31 21.47
C HIS B 73 -19.31 11.72 22.80
N GLU B 74 -20.29 10.83 22.72
CA GLU B 74 -20.84 10.16 23.89
C GLU B 74 -19.76 9.42 24.65
N ASN B 75 -18.52 9.55 24.21
CA ASN B 75 -17.41 8.89 24.88
C ASN B 75 -16.18 9.77 24.96
N ASN B 76 -16.40 11.08 24.80
CA ASN B 76 -15.36 12.08 24.90
C ASN B 76 -14.29 12.11 23.83
N VAL B 77 -14.48 11.39 22.73
CA VAL B 77 -13.48 11.41 21.66
C VAL B 77 -13.81 12.61 20.77
N THR B 78 -12.85 13.52 20.60
CA THR B 78 -13.12 14.72 19.81
C THR B 78 -12.28 14.97 18.57
N ILE B 79 -11.19 14.24 18.39
CA ILE B 79 -10.33 14.45 17.25
C ILE B 79 -11.05 14.60 15.90
N TRP B 80 -12.30 14.12 15.83
CA TRP B 80 -13.08 14.22 14.59
C TRP B 80 -14.15 15.31 14.53
N ASP B 81 -14.09 16.27 15.46
CA ASP B 81 -15.09 17.33 15.49
C ASP B 81 -14.81 18.41 14.46
N GLU B 82 -13.55 18.84 14.40
CA GLU B 82 -13.14 19.87 13.48
C GLU B 82 -13.65 19.69 12.03
N TRP B 83 -13.62 18.45 11.53
N TRP B 83 -13.60 18.45 11.54
CA TRP B 83 -14.02 18.16 10.15
CA TRP B 83 -14.00 18.13 10.16
C TRP B 83 -15.49 17.83 9.91
C TRP B 83 -15.46 17.81 9.90
N ALA B 84 -16.13 17.16 10.86
CA ALA B 84 -17.54 16.82 10.69
C ALA B 84 -18.34 18.10 10.45
N ASP B 85 -19.44 17.99 9.71
CA ASP B 85 -20.27 19.14 9.40
C ASP B 85 -21.19 19.57 10.54
N GLU B 86 -22.14 20.44 10.20
CA GLU B 86 -23.11 20.96 11.17
C GLU B 86 -23.83 19.90 11.96
N ASN B 87 -24.06 18.75 11.35
CA ASN B 87 -24.79 17.67 12.00
C ASN B 87 -23.88 16.57 12.51
N GLY B 88 -22.58 16.86 12.58
CA GLY B 88 -21.63 15.87 13.06
C GLY B 88 -21.41 14.74 12.06
N ASP B 89 -21.45 15.08 10.77
CA ASP B 89 -21.27 14.09 9.71
C ASP B 89 -20.00 14.35 8.91
N LEU B 90 -19.27 13.28 8.57
CA LEU B 90 -18.01 13.45 7.82
C LEU B 90 -18.07 12.95 6.38
N GLY B 91 -19.15 12.29 6.01
CA GLY B 91 -19.27 11.77 4.67
C GLY B 91 -18.98 10.29 4.65
N PRO B 92 -18.72 9.71 3.47
CA PRO B 92 -18.42 8.28 3.34
C PRO B 92 -16.98 7.89 3.67
N VAL B 93 -16.54 8.25 4.87
CA VAL B 93 -15.18 7.95 5.31
C VAL B 93 -15.06 6.53 5.87
N TYR B 94 -13.84 6.16 6.26
CA TYR B 94 -13.50 4.83 6.80
C TYR B 94 -14.66 3.87 7.02
N GLY B 95 -15.43 4.11 8.06
CA GLY B 95 -16.55 3.24 8.38
C GLY B 95 -17.43 2.85 7.22
N LYS B 96 -17.86 3.83 6.43
CA LYS B 96 -18.72 3.57 5.29
C LYS B 96 -18.09 2.64 4.25
N GLN B 97 -16.81 2.82 3.98
CA GLN B 97 -16.12 2.01 3.01
C GLN B 97 -15.83 0.60 3.51
N TRP B 98 -15.53 0.47 4.81
CA TRP B 98 -15.24 -0.84 5.42
C TRP B 98 -16.48 -1.72 5.43
N ARG B 99 -17.59 -1.16 5.89
CA ARG B 99 -18.84 -1.90 6.02
C ARG B 99 -19.82 -1.86 4.85
N ALA B 100 -19.65 -0.92 3.93
CA ALA B 100 -20.59 -0.85 2.81
C ALA B 100 -20.05 -0.12 1.59
N TRP B 101 -19.00 -0.66 1.00
CA TRP B 101 -18.43 -0.05 -0.19
C TRP B 101 -19.53 -0.09 -1.24
N PRO B 102 -20.02 1.09 -1.65
CA PRO B 102 -21.09 1.20 -2.66
C PRO B 102 -20.61 0.81 -4.05
N THR B 103 -21.32 -0.13 -4.69
CA THR B 103 -20.94 -0.54 -6.03
C THR B 103 -21.63 0.42 -7.00
N PRO B 104 -21.13 0.53 -8.24
CA PRO B 104 -21.73 1.44 -9.23
C PRO B 104 -23.14 1.04 -9.64
N ASP B 105 -23.46 -0.24 -9.49
CA ASP B 105 -24.79 -0.74 -9.85
C ASP B 105 -25.80 -0.58 -8.72
N GLY B 106 -25.41 0.17 -7.69
CA GLY B 106 -26.31 0.43 -6.57
C GLY B 106 -26.41 -0.59 -5.46
N ARG B 107 -25.30 -1.25 -5.13
CA ARG B 107 -25.31 -2.24 -4.05
C ARG B 107 -24.28 -1.85 -3.02
N HIS B 108 -24.01 -2.76 -2.08
CA HIS B 108 -23.03 -2.50 -1.05
C HIS B 108 -22.26 -3.76 -0.73
N ILE B 109 -20.94 -3.63 -0.57
CA ILE B 109 -20.04 -4.74 -0.24
C ILE B 109 -19.50 -4.53 1.18
N ASP B 110 -19.65 -5.53 2.04
CA ASP B 110 -19.16 -5.44 3.41
C ASP B 110 -17.79 -6.09 3.51
N GLN B 111 -16.75 -5.30 3.29
CA GLN B 111 -15.39 -5.79 3.32
C GLN B 111 -15.01 -6.57 4.59
N ILE B 112 -15.45 -6.08 5.75
CA ILE B 112 -15.11 -6.78 6.99
C ILE B 112 -15.68 -8.18 7.02
N THR B 113 -16.97 -8.31 6.75
CA THR B 113 -17.56 -9.63 6.73
C THR B 113 -16.82 -10.51 5.72
N THR B 114 -16.59 -9.97 4.54
CA THR B 114 -15.89 -10.73 3.52
C THR B 114 -14.56 -11.18 4.09
N VAL B 115 -13.80 -10.24 4.63
CA VAL B 115 -12.50 -10.56 5.20
C VAL B 115 -12.62 -11.65 6.28
N LEU B 116 -13.65 -11.56 7.12
CA LEU B 116 -13.86 -12.54 8.18
C LEU B 116 -14.02 -13.94 7.57
N ASN B 117 -14.86 -14.03 6.55
CA ASN B 117 -15.12 -15.28 5.86
C ASN B 117 -13.91 -15.83 5.12
N GLN B 118 -13.08 -14.95 4.58
CA GLN B 118 -11.87 -15.36 3.87
C GLN B 118 -10.89 -15.96 4.87
N LEU B 119 -10.80 -15.32 6.03
CA LEU B 119 -9.90 -15.82 7.04
C LEU B 119 -10.35 -17.18 7.49
N LYS B 120 -11.63 -17.31 7.77
CA LYS B 120 -12.15 -18.58 8.24
C LYS B 120 -12.15 -19.68 7.19
N ASN B 121 -12.53 -19.36 5.95
CA ASN B 121 -12.59 -20.38 4.89
C ASN B 121 -11.43 -20.52 3.94
N ASP B 122 -10.61 -19.50 3.83
CA ASP B 122 -9.52 -19.53 2.87
C ASP B 122 -8.35 -18.67 3.34
N PRO B 123 -7.69 -19.10 4.42
CA PRO B 123 -6.54 -18.36 4.97
C PRO B 123 -5.34 -18.15 4.05
N ASP B 124 -5.21 -18.95 3.00
CA ASP B 124 -4.06 -18.80 2.10
C ASP B 124 -4.28 -17.70 1.05
N SER B 125 -5.54 -17.30 0.88
CA SER B 125 -5.93 -16.26 -0.06
C SER B 125 -4.93 -15.10 0.03
N ARG B 126 -4.64 -14.46 -1.10
CA ARG B 126 -3.72 -13.34 -1.07
C ARG B 126 -4.54 -12.14 -1.49
N ARG B 127 -5.84 -12.28 -1.32
CA ARG B 127 -6.76 -11.23 -1.70
C ARG B 127 -7.51 -10.82 -0.46
N ILE B 128 -6.93 -11.09 0.71
CA ILE B 128 -7.58 -10.71 1.95
C ILE B 128 -7.24 -9.26 2.22
N ILE B 129 -7.91 -8.38 1.50
CA ILE B 129 -7.69 -6.95 1.62
C ILE B 129 -8.99 -6.21 1.93
N VAL B 130 -8.83 -4.95 2.32
CA VAL B 130 -9.93 -4.06 2.62
C VAL B 130 -9.30 -2.67 2.56
N SER B 131 -9.82 -1.83 1.66
CA SER B 131 -9.29 -0.48 1.48
C SER B 131 -10.37 0.56 1.59
N ALA B 132 -9.98 1.72 2.11
CA ALA B 132 -10.91 2.82 2.27
C ALA B 132 -10.73 3.79 1.10
N TRP B 133 -9.74 3.52 0.24
CA TRP B 133 -9.47 4.38 -0.90
C TRP B 133 -10.49 4.22 -2.03
N ASN B 134 -11.67 4.79 -1.82
CA ASN B 134 -12.72 4.73 -2.81
C ASN B 134 -12.67 5.99 -3.66
N VAL B 135 -11.97 5.89 -4.78
CA VAL B 135 -11.82 7.00 -5.72
C VAL B 135 -13.18 7.63 -6.07
N GLY B 136 -14.20 6.80 -6.21
CA GLY B 136 -15.52 7.30 -6.56
C GLY B 136 -16.22 8.20 -5.56
N GLU B 137 -15.78 8.20 -4.31
CA GLU B 137 -16.42 9.02 -3.29
C GLU B 137 -15.52 9.94 -2.50
N LEU B 138 -14.24 9.99 -2.85
CA LEU B 138 -13.29 10.84 -2.15
C LEU B 138 -13.81 12.27 -1.99
N ASP B 139 -14.29 12.85 -3.08
CA ASP B 139 -14.81 14.21 -3.06
C ASP B 139 -15.90 14.39 -2.02
N LYS B 140 -16.56 13.31 -1.65
CA LYS B 140 -17.63 13.38 -0.66
C LYS B 140 -17.12 13.28 0.78
N MET B 141 -15.90 12.79 0.92
CA MET B 141 -15.31 12.63 2.24
C MET B 141 -14.81 13.92 2.86
N ALA B 142 -15.07 14.08 4.15
CA ALA B 142 -14.64 15.25 4.88
C ALA B 142 -13.13 15.36 4.83
N LEU B 143 -12.48 14.25 4.43
CA LEU B 143 -11.02 14.20 4.38
C LEU B 143 -10.60 12.83 3.82
N ALA B 144 -9.54 12.82 3.04
CA ALA B 144 -9.05 11.57 2.43
C ALA B 144 -8.41 10.64 3.46
N PRO B 145 -8.70 9.33 3.36
CA PRO B 145 -8.14 8.38 4.32
C PRO B 145 -6.61 8.40 4.36
N CYS B 146 -6.04 8.43 5.55
CA CYS B 146 -4.60 8.41 5.74
C CYS B 146 -4.18 6.95 5.77
N HIS B 147 -4.78 6.18 6.66
CA HIS B 147 -4.53 4.76 6.69
C HIS B 147 -5.65 4.31 5.74
N ALA B 148 -5.28 4.09 4.49
CA ALA B 148 -6.24 3.76 3.46
C ALA B 148 -6.29 2.36 2.90
N PHE B 149 -5.35 1.51 3.27
CA PHE B 149 -5.33 0.20 2.64
C PHE B 149 -4.57 -0.83 3.49
N PHE B 150 -5.22 -1.92 3.85
CA PHE B 150 -4.52 -2.94 4.61
C PHE B 150 -4.83 -4.34 4.16
N GLN B 151 -3.90 -5.25 4.41
CA GLN B 151 -4.04 -6.63 3.99
C GLN B 151 -3.66 -7.62 5.08
N PHE B 152 -4.45 -8.68 5.18
CA PHE B 152 -4.22 -9.72 6.16
C PHE B 152 -3.52 -10.91 5.50
N TYR B 153 -2.72 -11.60 6.30
CA TYR B 153 -1.92 -12.72 5.84
C TYR B 153 -1.89 -13.79 6.92
N VAL B 154 -1.98 -15.05 6.51
CA VAL B 154 -1.95 -16.13 7.49
C VAL B 154 -0.86 -17.14 7.13
N ALA B 155 -0.08 -17.54 8.13
CA ALA B 155 1.00 -18.52 7.96
C ALA B 155 1.28 -19.23 9.27
N ASP B 156 1.08 -20.53 9.30
CA ASP B 156 1.30 -21.33 10.50
C ASP B 156 0.39 -20.80 11.59
N GLY B 157 -0.90 -20.75 11.30
CA GLY B 157 -1.89 -20.30 12.26
C GLY B 157 -1.66 -18.92 12.85
N LYS B 158 -0.79 -18.14 12.23
CA LYS B 158 -0.49 -16.78 12.69
C LYS B 158 -1.17 -15.76 11.76
N LEU B 159 -1.77 -14.72 12.33
CA LEU B 159 -2.45 -13.69 11.53
C LEU B 159 -1.67 -12.40 11.53
N SER B 160 -1.21 -12.00 10.35
CA SER B 160 -0.45 -10.77 10.22
C SER B 160 -1.27 -9.74 9.45
N CYS B 161 -0.82 -8.49 9.50
CA CYS B 161 -1.50 -7.40 8.82
C CYS B 161 -0.52 -6.33 8.41
N GLN B 162 -0.65 -5.86 7.17
CA GLN B 162 0.22 -4.79 6.69
C GLN B 162 -0.63 -3.58 6.37
N LEU B 163 -0.31 -2.45 6.98
CA LEU B 163 -1.05 -1.21 6.74
C LEU B 163 -0.26 -0.23 5.86
N TYR B 164 -0.95 0.30 4.85
CA TYR B 164 -0.37 1.29 3.96
C TYR B 164 -0.96 2.67 4.30
N GLN B 165 -0.12 3.56 4.83
CA GLN B 165 -0.57 4.90 5.18
C GLN B 165 0.03 5.91 4.21
N ARG B 166 -0.82 6.56 3.41
CA ARG B 166 -0.36 7.53 2.42
C ARG B 166 0.17 8.81 3.07
N SER B 167 -0.52 9.29 4.09
CA SER B 167 -0.13 10.49 4.82
C SER B 167 0.01 10.13 6.30
N CYS B 168 1.02 10.67 6.96
CA CYS B 168 1.24 10.34 8.37
C CYS B 168 1.77 11.46 9.26
N ASP B 169 0.94 11.95 10.17
CA ASP B 169 1.41 12.97 11.10
C ASP B 169 2.20 12.14 12.08
N VAL B 170 3.50 12.04 11.86
CA VAL B 170 4.37 11.23 12.72
C VAL B 170 4.17 11.42 14.20
N PHE B 171 4.27 12.66 14.67
CA PHE B 171 4.10 12.93 16.09
C PHE B 171 2.69 12.71 16.62
N LEU B 172 1.70 13.36 16.03
CA LEU B 172 0.33 13.22 16.51
C LEU B 172 -0.40 11.91 16.18
N GLY B 173 -0.55 11.60 14.90
CA GLY B 173 -1.27 10.40 14.51
C GLY B 173 -0.70 9.00 14.60
N LEU B 174 0.52 8.81 14.10
CA LEU B 174 1.15 7.49 14.09
C LEU B 174 0.91 6.58 15.30
N PRO B 175 1.25 7.05 16.52
CA PRO B 175 1.07 6.27 17.75
C PRO B 175 -0.34 5.68 17.87
N PHE B 176 -1.31 6.42 17.36
CA PHE B 176 -2.69 5.96 17.42
C PHE B 176 -3.06 4.94 16.36
N ASN B 177 -2.61 5.16 15.15
CA ASN B 177 -2.89 4.24 14.06
C ASN B 177 -2.27 2.89 14.36
N ILE B 178 -1.04 2.92 14.87
CA ILE B 178 -0.37 1.69 15.19
C ILE B 178 -1.18 0.88 16.19
N ALA B 179 -1.50 1.47 17.32
CA ALA B 179 -2.27 0.77 18.34
C ALA B 179 -3.62 0.26 17.82
N SER B 180 -4.28 1.08 17.01
CA SER B 180 -5.59 0.76 16.46
C SER B 180 -5.56 -0.52 15.61
N TYR B 181 -4.70 -0.55 14.61
CA TYR B 181 -4.61 -1.72 13.76
C TYR B 181 -4.06 -2.91 14.54
N ALA B 182 -3.24 -2.64 15.55
CA ALA B 182 -2.68 -3.71 16.36
C ALA B 182 -3.83 -4.32 17.15
N LEU B 183 -4.74 -3.46 17.58
CA LEU B 183 -5.88 -3.92 18.35
C LEU B 183 -6.87 -4.66 17.43
N LEU B 184 -6.98 -4.25 16.18
CA LEU B 184 -7.90 -4.91 15.26
C LEU B 184 -7.44 -6.34 14.90
N VAL B 185 -6.13 -6.50 14.75
CA VAL B 185 -5.55 -7.79 14.42
C VAL B 185 -5.94 -8.75 15.54
N HIS B 186 -5.75 -8.31 16.78
CA HIS B 186 -6.08 -9.14 17.93
C HIS B 186 -7.53 -9.60 17.88
N MET B 187 -8.42 -8.67 17.57
CA MET B 187 -9.84 -8.99 17.49
C MET B 187 -10.09 -10.04 16.42
N MET B 188 -9.56 -9.78 15.22
CA MET B 188 -9.70 -10.71 14.10
C MET B 188 -9.15 -12.07 14.46
N ALA B 189 -8.00 -12.09 15.14
CA ALA B 189 -7.38 -13.33 15.53
C ALA B 189 -8.24 -14.11 16.52
N GLN B 190 -8.98 -13.38 17.36
CA GLN B 190 -9.82 -14.03 18.36
C GLN B 190 -11.07 -14.62 17.77
N GLN B 191 -11.66 -13.92 16.82
CA GLN B 191 -12.87 -14.38 16.15
C GLN B 191 -12.55 -15.48 15.12
N CYS B 192 -11.27 -15.65 14.82
CA CYS B 192 -10.82 -16.64 13.85
C CYS B 192 -9.91 -17.71 14.43
N ASP B 193 -9.89 -17.83 15.74
CA ASP B 193 -9.06 -18.82 16.41
C ASP B 193 -7.67 -18.92 15.79
N LEU B 194 -7.01 -17.77 15.70
CA LEU B 194 -5.65 -17.69 15.16
C LEU B 194 -4.76 -17.04 16.20
N GLU B 195 -3.45 -17.19 16.02
CA GLU B 195 -2.48 -16.61 16.93
C GLU B 195 -2.01 -15.35 16.24
N VAL B 196 -1.75 -14.28 16.98
CA VAL B 196 -1.30 -13.05 16.36
C VAL B 196 0.11 -13.17 15.79
N GLY B 197 0.37 -12.42 14.71
CA GLY B 197 1.68 -12.46 14.07
C GLY B 197 2.35 -11.11 14.00
N ASP B 198 2.75 -10.70 12.80
CA ASP B 198 3.41 -9.41 12.61
C ASP B 198 2.48 -8.33 12.10
N PHE B 199 2.72 -7.10 12.55
CA PHE B 199 1.96 -5.95 12.06
C PHE B 199 2.94 -5.05 11.33
N VAL B 200 2.96 -5.16 10.00
CA VAL B 200 3.85 -4.38 9.16
C VAL B 200 3.24 -3.03 8.80
N TRP B 201 3.93 -1.93 9.11
CA TRP B 201 3.42 -0.59 8.81
C TRP B 201 4.22 0.03 7.68
N THR B 202 3.52 0.44 6.63
CA THR B 202 4.17 1.07 5.48
C THR B 202 3.57 2.46 5.23
N GLY B 203 4.41 3.45 5.01
CA GLY B 203 3.90 4.80 4.79
C GLY B 203 4.36 5.49 3.54
N GLY B 204 3.59 6.48 3.11
CA GLY B 204 3.93 7.24 1.93
C GLY B 204 4.56 8.55 2.37
N ASP B 205 3.81 9.63 2.34
CA ASP B 205 4.33 10.91 2.79
C ASP B 205 4.33 10.86 4.31
N THR B 206 5.49 10.56 4.87
CA THR B 206 5.67 10.49 6.31
C THR B 206 6.28 11.81 6.72
N HIS B 207 5.61 12.53 7.62
CA HIS B 207 6.09 13.85 8.01
C HIS B 207 6.00 14.26 9.48
N LEU B 208 6.67 15.38 9.75
CA LEU B 208 6.74 15.99 11.07
C LEU B 208 6.49 17.48 10.86
N TYR B 209 5.41 18.00 11.44
CA TYR B 209 5.09 19.42 11.29
C TYR B 209 6.15 20.31 11.93
N SER B 210 6.44 21.42 11.29
CA SER B 210 7.46 22.34 11.78
C SER B 210 7.19 22.82 13.19
N ASN B 211 5.92 22.96 13.56
CA ASN B 211 5.61 23.41 14.91
C ASN B 211 5.44 22.24 15.90
N HIS B 212 6.29 21.22 15.73
CA HIS B 212 6.29 20.04 16.59
C HIS B 212 7.74 19.66 16.88
N MET B 213 8.66 20.48 16.39
CA MET B 213 10.09 20.27 16.58
C MET B 213 10.45 20.06 18.04
N ASP B 214 10.02 21.01 18.87
CA ASP B 214 10.27 20.99 20.31
C ASP B 214 9.74 19.74 20.99
N GLN B 215 8.45 19.49 20.83
CA GLN B 215 7.87 18.30 21.44
C GLN B 215 8.60 17.04 21.00
N THR B 216 9.07 17.03 19.75
CA THR B 216 9.81 15.87 19.24
C THR B 216 11.14 15.69 19.95
N HIS B 217 11.96 16.74 19.96
CA HIS B 217 13.25 16.65 20.64
C HIS B 217 13.06 16.12 22.05
N LEU B 218 12.03 16.63 22.72
CA LEU B 218 11.73 16.21 24.08
C LEU B 218 11.51 14.70 24.12
N GLN B 219 10.60 14.22 23.28
CA GLN B 219 10.29 12.80 23.22
C GLN B 219 11.47 11.93 22.78
N LEU B 220 12.32 12.48 21.93
CA LEU B 220 13.46 11.74 21.42
C LEU B 220 14.52 11.42 22.50
N SER B 221 14.46 12.12 23.63
CA SER B 221 15.43 11.92 24.70
C SER B 221 14.94 11.02 25.84
N ARG B 222 13.78 10.40 25.67
CA ARG B 222 13.22 9.54 26.71
C ARG B 222 13.50 8.07 26.39
N GLU B 223 13.81 7.28 27.40
CA GLU B 223 14.09 5.86 27.21
C GLU B 223 12.80 5.06 27.14
N PRO B 224 12.63 4.23 26.10
CA PRO B 224 11.43 3.40 25.92
C PRO B 224 11.34 2.35 27.03
N ARG B 225 10.14 1.84 27.27
CA ARG B 225 9.94 0.83 28.32
C ARG B 225 9.29 -0.42 27.75
N PRO B 226 9.50 -1.57 28.40
CA PRO B 226 8.90 -2.80 27.90
C PRO B 226 7.46 -2.54 27.43
N LEU B 227 7.06 -3.21 26.35
CA LEU B 227 5.71 -3.03 25.82
C LEU B 227 4.68 -3.72 26.70
N PRO B 228 3.50 -3.13 26.87
CA PRO B 228 2.46 -3.72 27.71
C PRO B 228 1.83 -4.96 27.08
N LYS B 229 0.81 -5.52 27.71
CA LYS B 229 0.14 -6.69 27.17
C LYS B 229 -1.35 -6.43 27.07
N LEU B 230 -1.93 -6.86 25.96
CA LEU B 230 -3.34 -6.67 25.71
C LEU B 230 -4.14 -7.87 26.19
N ILE B 231 -5.13 -7.63 27.04
CA ILE B 231 -5.98 -8.70 27.53
C ILE B 231 -7.41 -8.44 27.08
N ILE B 232 -8.00 -9.41 26.39
CA ILE B 232 -9.39 -9.31 25.96
C ILE B 232 -10.08 -10.29 26.89
N LYS B 233 -10.88 -9.77 27.81
CA LYS B 233 -11.54 -10.60 28.81
C LYS B 233 -12.89 -11.21 28.45
N ARG B 234 -13.14 -11.38 27.15
CA ARG B 234 -14.42 -11.95 26.74
C ARG B 234 -14.49 -12.08 25.23
N LYS B 235 -15.05 -13.18 24.74
CA LYS B 235 -15.15 -13.32 23.30
C LYS B 235 -16.59 -13.15 22.81
N PRO B 236 -16.90 -12.01 22.21
CA PRO B 236 -18.24 -11.75 21.70
C PRO B 236 -18.61 -12.83 20.66
N GLU B 237 -19.82 -12.81 20.13
CA GLU B 237 -20.21 -13.82 19.15
C GLU B 237 -19.86 -13.38 17.74
N SER B 238 -19.39 -12.15 17.63
CA SER B 238 -18.99 -11.60 16.33
C SER B 238 -17.94 -10.55 16.56
N ILE B 239 -17.45 -9.98 15.46
CA ILE B 239 -16.44 -8.96 15.56
C ILE B 239 -17.09 -7.59 15.68
N PHE B 240 -18.42 -7.58 15.54
CA PHE B 240 -19.18 -6.33 15.64
C PHE B 240 -19.82 -6.22 17.00
N ASP B 241 -19.43 -7.08 17.93
CA ASP B 241 -20.01 -7.09 19.25
C ASP B 241 -19.07 -6.79 20.40
N TYR B 242 -17.83 -6.41 20.09
CA TYR B 242 -16.90 -6.10 21.16
C TYR B 242 -17.30 -4.78 21.82
N ARG B 243 -16.82 -4.55 23.04
CA ARG B 243 -17.13 -3.32 23.74
C ARG B 243 -15.90 -2.84 24.51
N PHE B 244 -15.95 -1.59 24.96
CA PHE B 244 -14.83 -0.99 25.68
C PHE B 244 -14.31 -1.85 26.84
N GLU B 245 -15.21 -2.30 27.71
CA GLU B 245 -14.85 -3.11 28.87
C GLU B 245 -14.09 -4.39 28.52
N ASP B 246 -14.39 -4.95 27.36
CA ASP B 246 -13.76 -6.17 26.87
C ASP B 246 -12.24 -6.17 26.88
N PHE B 247 -11.64 -5.00 26.62
CA PHE B 247 -10.18 -4.89 26.56
C PHE B 247 -9.55 -4.40 27.84
N GLU B 248 -8.35 -4.88 28.11
CA GLU B 248 -7.58 -4.51 29.29
C GLU B 248 -6.12 -4.50 28.86
N ILE B 249 -5.29 -3.73 29.55
CA ILE B 249 -3.89 -3.67 29.18
C ILE B 249 -2.99 -3.45 30.40
N GLU B 250 -2.08 -4.40 30.64
CA GLU B 250 -1.18 -4.33 31.79
C GLU B 250 0.27 -4.17 31.35
N GLY B 251 1.06 -3.53 32.20
CA GLY B 251 2.46 -3.34 31.89
C GLY B 251 2.70 -2.01 31.21
N TYR B 252 1.69 -1.14 31.21
CA TYR B 252 1.85 0.16 30.57
C TYR B 252 2.33 1.19 31.60
N ASP B 253 3.63 1.47 31.57
CA ASP B 253 4.22 2.43 32.49
C ASP B 253 4.91 3.52 31.65
N PRO B 254 4.12 4.29 30.89
CA PRO B 254 4.57 5.37 30.01
C PRO B 254 5.13 6.58 30.71
N HIS B 255 5.76 7.46 29.93
CA HIS B 255 6.28 8.72 30.45
C HIS B 255 5.06 9.62 30.37
N PRO B 256 5.08 10.75 31.09
CA PRO B 256 3.90 11.61 31.00
C PRO B 256 3.64 12.03 29.56
N GLY B 257 2.41 12.46 29.26
CA GLY B 257 2.09 12.89 27.92
C GLY B 257 2.81 14.17 27.52
N ILE B 258 2.72 14.52 26.24
CA ILE B 258 3.36 15.71 25.69
C ILE B 258 2.32 16.43 24.84
N LYS B 259 1.90 17.63 25.24
CA LYS B 259 0.89 18.35 24.49
C LYS B 259 1.41 19.07 23.25
N ALA B 260 0.67 18.92 22.14
CA ALA B 260 1.04 19.56 20.88
C ALA B 260 -0.19 19.94 20.05
N PRO B 261 -0.16 21.13 19.42
CA PRO B 261 -1.23 21.69 18.58
C PRO B 261 -1.47 20.91 17.29
N VAL B 262 -2.74 20.78 16.89
CA VAL B 262 -3.10 20.06 15.66
C VAL B 262 -3.21 21.02 14.48
N ALA B 263 -2.66 20.60 13.34
CA ALA B 263 -2.66 21.42 12.13
C ALA B 263 -3.91 21.27 11.27
N ILE B 264 -4.71 22.33 11.18
CA ILE B 264 -5.93 22.30 10.37
C ILE B 264 -5.72 23.05 9.03
#